data_7WSC
#
_entry.id   7WSC
#
_cell.length_a   1.00
_cell.length_b   1.00
_cell.length_c   1.00
_cell.angle_alpha   90.00
_cell.angle_beta   90.00
_cell.angle_gamma   90.00
#
_symmetry.space_group_name_H-M   'P 1'
#
loop_
_entity.id
_entity.type
_entity.pdbx_description
1 polymer 'Spike protein S1'
2 polymer 3500H
3 polymer 3500L
4 branched 2-acetamido-2-deoxy-beta-D-glucopyranose-(1-4)-2-acetamido-2-deoxy-beta-D-glucopyranose
#
loop_
_entity_poly.entity_id
_entity_poly.type
_entity_poly.pdbx_seq_one_letter_code
_entity_poly.pdbx_strand_id
1 'polypeptide(L)'
;AAGSARVQPTESIVRFPNITNLCPFDEVFNATRFASVYAWNRKRISNCVADYSVLYNLAPFFTFKCYGVSPTKLNDLCFT
NVYADSFVIRGDEVRQIAPGQTGNIADYNYKLPDDFTGCVIAWNSNKLDSKVSGNYNYLYRLFRKSNLKPFERDISTEIY
QAGNKPCNGVAGFNCYFPLRSYSFRPTYGVGHQPYRVVVLSFELLHAPATVCGPKKSTNLVKNKCVNFHHHHHHHH
;
R
2 'polypeptide(L)'
;QVQLVESGGGVVQPGRSLRLSCAASGFIFSRYDIHWVRQTPGKGLEWVALIRYDGSDKYYADSVKGRFTISRDNSKNTLY
LQMNSLRVEDTAVYYCAKEGIQGYSGYDYFWTGFYFDYWGQGTLVTV
;
H
3 'polypeptide(L)'
;VVMTQSPLSLPVTPGEPASISCRSSQSLLQSNGYNYLDWYLQKPGQSPQLLIYLGSNRASGVPDRFSGSGSGTDFTLKIS
RVEAEDVGIYYCMQALQTPLTFGGGTKV
;
L
#
loop_
_chem_comp.id
_chem_comp.type
_chem_comp.name
_chem_comp.formula
NAG D-saccharide, beta linking 2-acetamido-2-deoxy-beta-D-glucopyranose 'C8 H15 N O6'
#
# COMPACT_ATOMS: atom_id res chain seq x y z
N ASN A 21 -8.44 -35.38 -10.30
CA ASN A 21 -7.69 -35.13 -11.52
C ASN A 21 -6.39 -34.42 -11.20
N LEU A 22 -6.32 -33.79 -10.03
CA LEU A 22 -5.08 -33.26 -9.46
C LEU A 22 -4.47 -32.19 -10.39
N CYS A 23 -5.16 -31.05 -10.46
CA CYS A 23 -4.78 -29.88 -11.24
C CYS A 23 -3.29 -29.62 -11.24
N PRO A 24 -2.69 -29.33 -12.39
CA PRO A 24 -1.25 -29.08 -12.42
C PRO A 24 -0.85 -27.69 -11.96
N PHE A 25 -0.34 -27.60 -10.74
CA PHE A 25 0.50 -26.49 -10.32
C PHE A 25 1.97 -26.86 -10.25
N ASP A 26 2.30 -28.14 -10.39
CA ASP A 26 3.70 -28.56 -10.39
C ASP A 26 4.48 -27.87 -11.50
N GLU A 27 3.81 -27.46 -12.58
CA GLU A 27 4.49 -26.71 -13.61
C GLU A 27 4.75 -25.28 -13.16
N VAL A 28 3.69 -24.52 -12.92
CA VAL A 28 3.82 -23.07 -12.82
C VAL A 28 4.68 -22.65 -11.65
N PHE A 29 4.75 -23.48 -10.61
CA PHE A 29 5.57 -23.13 -9.46
C PHE A 29 6.96 -23.75 -9.52
N ASN A 30 7.06 -25.01 -9.94
CA ASN A 30 8.32 -25.75 -9.91
C ASN A 30 9.02 -25.82 -11.26
N ALA A 31 8.50 -25.14 -12.28
CA ALA A 31 9.19 -25.12 -13.57
C ALA A 31 10.56 -24.49 -13.42
N THR A 32 11.56 -25.09 -14.06
CA THR A 32 12.93 -24.60 -13.93
C THR A 32 13.06 -23.17 -14.45
N ARG A 33 12.83 -22.99 -15.75
CA ARG A 33 12.93 -21.66 -16.35
C ARG A 33 11.86 -20.75 -15.75
N PHE A 34 12.21 -19.48 -15.60
CA PHE A 34 11.39 -18.51 -14.86
C PHE A 34 11.06 -17.34 -15.78
N ALA A 35 9.77 -17.08 -15.95
CA ALA A 35 9.34 -16.05 -16.89
C ALA A 35 9.71 -14.66 -16.42
N SER A 36 9.98 -13.78 -17.38
CA SER A 36 10.25 -12.38 -17.11
C SER A 36 8.94 -11.61 -17.00
N VAL A 37 9.04 -10.31 -16.70
CA VAL A 37 7.83 -9.55 -16.38
C VAL A 37 6.96 -9.36 -17.63
N TYR A 38 7.49 -8.72 -18.67
CA TYR A 38 6.66 -8.36 -19.81
C TYR A 38 6.12 -9.58 -20.54
N ALA A 39 6.85 -10.69 -20.51
CA ALA A 39 6.43 -11.92 -21.16
C ALA A 39 5.73 -12.86 -20.19
N TRP A 40 4.99 -12.29 -19.22
CA TRP A 40 4.31 -13.09 -18.22
C TRP A 40 3.37 -14.10 -18.86
N ASN A 41 3.65 -15.38 -18.63
CA ASN A 41 2.90 -16.46 -19.26
C ASN A 41 1.64 -16.75 -18.44
N ARG A 42 0.48 -16.35 -18.98
CA ARG A 42 -0.80 -16.55 -18.31
C ARG A 42 -1.27 -17.97 -18.58
N LYS A 43 -0.79 -18.91 -17.79
CA LYS A 43 -1.06 -20.32 -18.01
C LYS A 43 -2.47 -20.63 -17.50
N ARG A 44 -3.42 -20.72 -18.42
CA ARG A 44 -4.80 -21.02 -18.07
C ARG A 44 -4.91 -22.47 -17.61
N ILE A 45 -5.44 -22.67 -16.42
CA ILE A 45 -5.70 -24.00 -15.87
C ILE A 45 -7.20 -24.17 -15.68
N SER A 46 -7.71 -25.37 -15.93
CA SER A 46 -9.15 -25.60 -15.89
C SER A 46 -9.40 -27.11 -15.89
N ASN A 47 -10.68 -27.49 -16.07
CA ASN A 47 -11.22 -28.84 -16.20
C ASN A 47 -10.50 -29.88 -15.35
N CYS A 48 -10.32 -29.58 -14.07
CA CYS A 48 -9.53 -30.44 -13.18
C CYS A 48 -9.78 -30.04 -11.74
N VAL A 49 -9.35 -30.91 -10.83
CA VAL A 49 -9.56 -30.74 -9.40
C VAL A 49 -8.28 -30.21 -8.78
N ALA A 50 -8.36 -29.03 -8.16
CA ALA A 50 -7.21 -28.39 -7.55
C ALA A 50 -7.31 -28.45 -6.02
N ASP A 51 -6.21 -28.08 -5.37
CA ASP A 51 -6.19 -28.00 -3.90
C ASP A 51 -5.27 -26.84 -3.53
N TYR A 52 -5.89 -25.72 -3.17
CA TYR A 52 -5.13 -24.53 -2.80
C TYR A 52 -4.39 -24.73 -1.48
N SER A 53 -4.79 -25.71 -0.67
CA SER A 53 -4.12 -25.99 0.59
C SER A 53 -2.73 -26.57 0.37
N VAL A 54 -2.45 -27.11 -0.82
CA VAL A 54 -1.13 -27.64 -1.12
C VAL A 54 -0.08 -26.53 -1.10
N LEU A 55 -0.46 -25.33 -1.53
CA LEU A 55 0.49 -24.26 -1.73
C LEU A 55 1.04 -23.69 -0.43
N TYR A 56 0.23 -23.73 0.62
CA TYR A 56 0.68 -23.04 1.86
C TYR A 56 1.70 -23.95 2.56
N ASN A 57 2.96 -23.89 2.10
CA ASN A 57 3.98 -24.80 2.67
C ASN A 57 5.38 -24.33 2.23
N LEU A 58 5.56 -23.97 0.96
CA LEU A 58 6.91 -23.61 0.45
C LEU A 58 7.40 -22.33 1.10
N ALA A 59 7.46 -21.24 0.33
CA ALA A 59 7.98 -19.96 0.87
C ALA A 59 7.81 -19.95 2.37
N PRO A 60 8.87 -20.15 3.17
CA PRO A 60 8.76 -20.06 4.62
C PRO A 60 7.99 -18.76 4.86
N PHE A 61 8.17 -17.76 3.99
CA PHE A 61 7.40 -16.49 4.08
C PHE A 61 6.80 -16.23 2.70
N PHE A 62 5.63 -16.80 2.43
CA PHE A 62 4.96 -16.64 1.11
C PHE A 62 4.52 -15.20 0.90
N THR A 63 3.29 -15.02 0.44
CA THR A 63 2.76 -13.65 0.27
C THR A 63 1.24 -13.75 0.16
N PHE A 64 0.79 -14.86 -0.30
CA PHE A 64 -0.58 -15.13 -0.48
C PHE A 64 -1.64 -14.03 -0.31
N LYS A 65 -1.46 -12.87 -0.84
CA LYS A 65 -2.26 -11.78 -0.51
C LYS A 65 -3.62 -11.93 -1.08
N CYS A 66 -4.52 -12.83 -0.77
CA CYS A 66 -5.74 -12.94 -1.56
C CYS A 66 -6.76 -11.88 -1.84
N TYR A 67 -6.55 -11.05 -2.82
CA TYR A 67 -7.46 -10.05 -3.14
C TYR A 67 -8.59 -10.68 -3.69
N GLY A 68 -9.69 -10.44 -3.05
CA GLY A 68 -10.96 -11.02 -3.47
C GLY A 68 -11.55 -12.18 -2.67
N VAL A 69 -10.79 -13.23 -2.45
CA VAL A 69 -11.30 -14.35 -1.75
C VAL A 69 -10.32 -14.97 -0.86
N SER A 70 -10.72 -15.02 0.36
CA SER A 70 -10.04 -15.59 1.48
C SER A 70 -9.31 -16.83 1.17
N PRO A 71 -8.08 -16.88 1.55
CA PRO A 71 -7.25 -18.03 1.18
C PRO A 71 -7.84 -19.36 1.64
N THR A 72 -8.12 -19.50 2.94
CA THR A 72 -8.69 -20.74 3.44
C THR A 72 -10.09 -20.98 2.87
N LYS A 73 -10.89 -19.91 2.75
CA LYS A 73 -12.24 -20.04 2.22
C LYS A 73 -12.25 -20.51 0.77
N LEU A 74 -11.15 -20.25 0.05
CA LEU A 74 -11.12 -20.52 -1.39
C LEU A 74 -11.29 -22.00 -1.70
N ASN A 75 -10.75 -22.87 -0.85
CA ASN A 75 -10.65 -24.30 -1.19
C ASN A 75 -12.01 -24.89 -1.53
N ASP A 76 -13.01 -24.64 -0.70
CA ASP A 76 -14.37 -25.12 -0.97
C ASP A 76 -15.20 -24.07 -1.70
N LEU A 77 -14.65 -23.53 -2.78
CA LEU A 77 -15.32 -22.57 -3.63
C LEU A 77 -14.59 -22.56 -4.96
N CYS A 78 -15.24 -22.07 -6.02
CA CYS A 78 -14.58 -22.06 -7.32
C CYS A 78 -15.36 -21.22 -8.31
N PHE A 79 -14.64 -20.83 -9.38
CA PHE A 79 -15.18 -20.06 -10.49
C PHE A 79 -14.78 -20.76 -11.79
N THR A 80 -15.11 -20.12 -12.91
CA THR A 80 -15.03 -20.76 -14.22
C THR A 80 -13.59 -21.15 -14.58
N ASN A 81 -12.67 -20.20 -14.50
CA ASN A 81 -11.31 -20.42 -14.97
C ASN A 81 -10.30 -19.75 -14.06
N VAL A 82 -9.04 -20.19 -14.18
CA VAL A 82 -7.95 -19.72 -13.34
C VAL A 82 -6.76 -19.39 -14.23
N TYR A 83 -6.03 -18.34 -13.87
CA TYR A 83 -4.86 -17.90 -14.62
C TYR A 83 -3.73 -17.58 -13.64
N ALA A 84 -2.72 -18.46 -13.59
CA ALA A 84 -1.57 -18.28 -12.71
C ALA A 84 -0.39 -17.73 -13.53
N ASP A 85 -0.47 -16.44 -13.84
CA ASP A 85 0.51 -15.80 -14.72
C ASP A 85 1.78 -15.45 -13.94
N SER A 86 2.57 -16.49 -13.68
CA SER A 86 3.80 -16.35 -12.91
C SER A 86 4.87 -15.61 -13.70
N PHE A 87 5.79 -14.99 -12.96
CA PHE A 87 7.00 -14.38 -13.51
C PHE A 87 7.90 -14.02 -12.33
N VAL A 88 8.91 -13.19 -12.59
CA VAL A 88 9.86 -12.76 -11.57
C VAL A 88 10.05 -11.25 -11.63
N ILE A 89 10.07 -10.61 -10.47
CA ILE A 89 10.38 -9.20 -10.33
C ILE A 89 11.17 -8.99 -9.04
N ARG A 90 11.69 -7.78 -8.87
CA ARG A 90 12.49 -7.46 -7.69
C ARG A 90 11.65 -7.57 -6.42
N GLY A 91 12.32 -7.94 -5.33
CA GLY A 91 11.61 -8.13 -4.08
C GLY A 91 10.87 -6.90 -3.62
N ASP A 92 11.49 -5.73 -3.76
CA ASP A 92 10.82 -4.50 -3.33
C ASP A 92 9.61 -4.17 -4.17
N GLU A 93 9.43 -4.85 -5.30
CA GLU A 93 8.24 -4.70 -6.11
C GLU A 93 7.23 -5.81 -5.90
N VAL A 94 7.45 -6.69 -4.92
CA VAL A 94 6.41 -7.65 -4.55
C VAL A 94 5.16 -6.91 -4.11
N ARG A 95 5.33 -5.85 -3.33
CA ARG A 95 4.22 -4.99 -2.98
C ARG A 95 3.60 -4.33 -4.20
N GLN A 96 4.33 -4.31 -5.32
CA GLN A 96 3.94 -3.46 -6.43
C GLN A 96 2.78 -4.04 -7.21
N ILE A 97 2.73 -5.36 -7.39
CA ILE A 97 1.66 -5.98 -8.18
C ILE A 97 0.52 -6.28 -7.21
N ALA A 98 -0.24 -5.23 -6.91
CA ALA A 98 -1.47 -5.36 -6.15
C ALA A 98 -2.47 -4.41 -6.78
N PRO A 99 -3.73 -4.79 -6.85
CA PRO A 99 -4.69 -3.97 -7.59
C PRO A 99 -4.81 -2.59 -6.96
N GLY A 100 -4.93 -1.58 -7.83
CA GLY A 100 -4.94 -0.20 -7.39
C GLY A 100 -3.59 0.42 -7.15
N GLN A 101 -2.50 -0.31 -7.39
CA GLN A 101 -1.17 0.24 -7.26
C GLN A 101 -0.82 1.10 -8.47
N THR A 102 0.20 1.94 -8.33
CA THR A 102 0.55 2.89 -9.38
C THR A 102 2.07 3.01 -9.54
N GLY A 103 2.76 1.87 -9.50
CA GLY A 103 4.21 1.86 -9.64
C GLY A 103 4.68 1.52 -11.04
N ASN A 104 5.99 1.31 -11.15
CA ASN A 104 6.62 1.08 -12.45
C ASN A 104 6.07 -0.17 -13.11
N ILE A 105 6.00 -1.28 -12.38
CA ILE A 105 5.38 -2.48 -12.92
C ILE A 105 3.90 -2.22 -13.16
N ALA A 106 3.23 -1.55 -12.23
CA ALA A 106 1.79 -1.35 -12.34
C ALA A 106 1.43 -0.57 -13.59
N ASP A 107 2.19 0.48 -13.89
CA ASP A 107 1.82 1.35 -15.00
C ASP A 107 2.18 0.74 -16.35
N TYR A 108 3.31 0.04 -16.45
CA TYR A 108 3.88 -0.30 -17.74
C TYR A 108 4.08 -1.78 -18.01
N ASN A 109 4.01 -2.64 -17.00
CA ASN A 109 4.46 -4.02 -17.13
C ASN A 109 3.38 -5.03 -16.80
N TYR A 110 2.62 -4.80 -15.73
CA TYR A 110 1.62 -5.74 -15.26
C TYR A 110 0.71 -5.00 -14.30
N LYS A 111 -0.58 -5.26 -14.39
CA LYS A 111 -1.56 -4.57 -13.57
C LYS A 111 -2.67 -5.54 -13.21
N LEU A 112 -3.43 -5.17 -12.19
CA LEU A 112 -4.54 -5.98 -11.70
C LEU A 112 -5.79 -5.12 -11.70
N PRO A 113 -6.88 -5.58 -12.30
CA PRO A 113 -8.11 -4.78 -12.31
C PRO A 113 -8.59 -4.52 -10.89
N ASP A 114 -9.21 -3.35 -10.71
CA ASP A 114 -9.62 -2.92 -9.37
C ASP A 114 -10.53 -3.93 -8.71
N ASP A 115 -11.35 -4.63 -9.49
CA ASP A 115 -12.16 -5.71 -8.96
C ASP A 115 -11.45 -7.06 -9.09
N PHE A 116 -10.20 -7.08 -8.65
CA PHE A 116 -9.41 -8.31 -8.70
C PHE A 116 -9.99 -9.31 -7.71
N THR A 117 -10.01 -10.59 -8.11
CA THR A 117 -10.59 -11.65 -7.30
C THR A 117 -9.65 -12.85 -7.23
N GLY A 118 -8.37 -12.59 -6.99
CA GLY A 118 -7.42 -13.68 -6.96
C GLY A 118 -6.46 -13.66 -5.80
N CYS A 119 -5.46 -14.53 -5.84
CA CYS A 119 -4.44 -14.64 -4.80
C CYS A 119 -3.09 -14.40 -5.42
N VAL A 120 -2.24 -13.64 -4.73
CA VAL A 120 -0.95 -13.23 -5.26
C VAL A 120 0.11 -13.94 -4.43
N ILE A 121 0.56 -15.11 -4.87
CA ILE A 121 1.64 -15.82 -4.21
C ILE A 121 2.95 -15.18 -4.63
N ALA A 122 3.83 -14.94 -3.67
CA ALA A 122 5.13 -14.36 -3.97
C ALA A 122 6.11 -14.78 -2.90
N TRP A 123 7.27 -15.28 -3.33
CA TRP A 123 8.26 -15.80 -2.41
C TRP A 123 9.66 -15.40 -2.86
N ASN A 124 10.58 -15.35 -1.90
CA ASN A 124 11.98 -15.15 -2.22
C ASN A 124 12.52 -16.40 -2.91
N SER A 125 13.22 -16.20 -4.03
CA SER A 125 13.91 -17.28 -4.72
C SER A 125 15.34 -16.81 -4.97
N ASN A 126 16.20 -16.98 -3.95
CA ASN A 126 17.60 -16.59 -4.11
C ASN A 126 18.34 -17.58 -4.99
N LYS A 127 18.13 -18.88 -4.77
CA LYS A 127 18.83 -19.89 -5.54
C LYS A 127 18.17 -20.05 -6.91
N LEU A 128 19.00 -20.45 -7.88
CA LEU A 128 18.59 -20.70 -9.25
C LEU A 128 18.16 -19.39 -9.93
N ASP A 129 18.19 -18.30 -9.17
CA ASP A 129 17.93 -16.97 -9.71
C ASP A 129 19.06 -16.02 -9.35
N SER A 130 20.24 -16.56 -9.07
CA SER A 130 21.37 -15.71 -8.69
C SER A 130 22.66 -16.44 -9.03
N LYS A 131 23.26 -16.06 -10.15
CA LYS A 131 24.61 -16.49 -10.48
C LYS A 131 25.61 -15.53 -9.83
N VAL A 132 26.79 -16.05 -9.52
CA VAL A 132 27.81 -15.20 -8.91
C VAL A 132 28.22 -14.07 -9.84
N SER A 133 28.02 -14.23 -11.14
CA SER A 133 28.19 -13.16 -12.10
C SER A 133 26.88 -12.47 -12.44
N GLY A 134 25.77 -12.85 -11.80
CA GLY A 134 24.49 -12.22 -12.03
C GLY A 134 23.68 -12.89 -13.12
N ASN A 135 22.41 -13.19 -12.84
CA ASN A 135 21.49 -13.74 -13.83
C ASN A 135 20.75 -12.58 -14.48
N TYR A 136 21.17 -12.20 -15.69
CA TYR A 136 20.56 -11.09 -16.42
C TYR A 136 19.59 -11.57 -17.49
N ASN A 137 18.97 -12.74 -17.30
CA ASN A 137 17.97 -13.22 -18.23
C ASN A 137 16.61 -12.57 -18.00
N TYR A 138 16.52 -11.61 -17.10
CA TYR A 138 15.26 -10.95 -16.77
C TYR A 138 15.35 -9.47 -17.16
N LEU A 139 14.26 -8.97 -17.72
CA LEU A 139 14.18 -7.59 -18.20
C LEU A 139 12.92 -6.98 -17.63
N TYR A 140 12.78 -5.67 -17.75
CA TYR A 140 11.55 -5.01 -17.33
C TYR A 140 11.39 -3.72 -18.10
N ARG A 141 10.20 -3.50 -18.64
CA ARG A 141 9.94 -2.34 -19.49
C ARG A 141 9.72 -1.13 -18.60
N LEU A 142 10.71 -0.24 -18.56
CA LEU A 142 10.66 0.93 -17.70
C LEU A 142 10.02 2.14 -18.38
N PHE A 143 9.65 2.02 -19.64
CA PHE A 143 9.11 3.15 -20.39
C PHE A 143 7.97 2.70 -21.28
N ARG A 144 6.96 3.55 -21.40
CA ARG A 144 5.80 3.31 -22.25
C ARG A 144 5.02 4.61 -22.33
N LYS A 145 4.48 4.89 -23.52
CA LYS A 145 3.80 6.16 -23.73
C LYS A 145 2.54 6.26 -22.87
N SER A 146 1.78 5.19 -22.78
CA SER A 146 0.53 5.18 -22.03
C SER A 146 0.47 3.94 -21.14
N ASN A 147 -0.30 4.05 -20.08
CA ASN A 147 -0.42 2.97 -19.11
C ASN A 147 -1.17 1.78 -19.72
N LEU A 148 -1.27 0.71 -18.94
CA LEU A 148 -1.83 -0.54 -19.42
C LEU A 148 -3.28 -0.69 -19.02
N LYS A 149 -4.09 -1.18 -19.95
CA LYS A 149 -5.37 -1.75 -19.59
C LYS A 149 -5.13 -2.99 -18.75
N PRO A 150 -5.99 -3.28 -17.77
CA PRO A 150 -5.81 -4.49 -16.94
C PRO A 150 -5.40 -5.73 -17.72
N PHE A 151 -4.29 -6.33 -17.30
CA PHE A 151 -3.79 -7.60 -17.85
C PHE A 151 -3.30 -7.47 -19.29
N GLU A 152 -2.73 -6.33 -19.68
CA GLU A 152 -2.10 -6.29 -20.99
C GLU A 152 -0.68 -6.84 -20.94
N ARG A 153 -0.29 -7.49 -22.03
CA ARG A 153 1.04 -8.05 -22.21
C ARG A 153 1.62 -7.48 -23.49
N ASP A 154 2.86 -7.02 -23.43
CA ASP A 154 3.48 -6.36 -24.58
C ASP A 154 4.93 -6.82 -24.76
N ILE A 155 5.14 -7.64 -25.79
CA ILE A 155 6.48 -8.08 -26.16
C ILE A 155 7.16 -7.07 -27.09
N SER A 156 6.46 -5.99 -27.46
CA SER A 156 7.02 -5.01 -28.39
C SER A 156 8.33 -4.45 -27.86
N THR A 157 9.40 -4.65 -28.62
CA THR A 157 10.74 -4.21 -28.24
C THR A 157 11.09 -2.86 -28.88
N GLU A 158 10.20 -2.31 -29.70
CA GLU A 158 10.52 -1.12 -30.48
C GLU A 158 10.91 0.03 -29.57
N ILE A 159 11.92 0.76 -30.04
CA ILE A 159 12.64 1.91 -29.41
C ILE A 159 11.84 3.17 -29.02
N TYR A 160 11.76 3.43 -27.72
CA TYR A 160 10.88 4.42 -27.08
C TYR A 160 11.20 5.87 -27.12
N GLN A 161 10.76 6.61 -28.12
CA GLN A 161 11.14 8.01 -28.18
C GLN A 161 10.65 8.83 -27.05
N ALA A 162 11.40 8.71 -25.99
CA ALA A 162 11.10 9.42 -24.82
C ALA A 162 11.91 10.51 -25.29
N GLY A 163 11.26 11.31 -26.06
CA GLY A 163 11.94 12.35 -26.74
C GLY A 163 11.77 11.99 -28.20
N ASN A 164 11.71 13.05 -28.99
CA ASN A 164 11.54 13.13 -30.44
C ASN A 164 11.56 12.02 -31.38
N LYS A 165 10.75 12.25 -32.36
CA LYS A 165 10.56 11.32 -33.41
C LYS A 165 11.72 10.85 -34.25
N PRO A 166 12.24 11.70 -35.14
CA PRO A 166 13.18 11.46 -36.21
C PRO A 166 12.80 10.25 -37.05
N CYS A 167 12.95 9.01 -36.57
CA CYS A 167 12.52 7.80 -37.29
C CYS A 167 12.48 6.68 -36.30
N ASN A 168 13.43 6.71 -35.38
CA ASN A 168 13.55 5.77 -34.30
C ASN A 168 13.31 4.29 -34.54
N GLY A 169 14.42 3.73 -34.92
CA GLY A 169 14.60 2.33 -35.17
C GLY A 169 16.05 2.62 -35.01
N VAL A 170 16.49 2.50 -33.77
CA VAL A 170 17.81 2.77 -33.26
C VAL A 170 18.18 4.17 -33.17
N ALA A 171 18.67 4.46 -31.99
CA ALA A 171 19.17 5.75 -31.60
C ALA A 171 19.83 5.60 -30.24
N GLY A 172 20.42 6.67 -29.75
CA GLY A 172 21.07 6.57 -28.48
C GLY A 172 21.38 7.81 -27.69
N PHE A 173 20.77 8.93 -28.02
CA PHE A 173 21.02 10.07 -27.18
C PHE A 173 20.06 9.68 -26.12
N ASN A 174 18.79 9.70 -26.50
CA ASN A 174 17.67 9.31 -25.73
C ASN A 174 16.52 9.34 -26.65
N CYS A 175 16.03 8.14 -26.71
CA CYS A 175 14.95 7.71 -27.50
C CYS A 175 14.42 6.74 -26.45
N TYR A 176 15.34 5.83 -26.13
CA TYR A 176 15.37 4.80 -25.12
C TYR A 176 14.80 3.55 -25.59
N PHE A 177 15.38 2.50 -25.08
CA PHE A 177 15.10 1.12 -25.45
C PHE A 177 14.12 0.25 -24.64
N PRO A 178 13.06 0.79 -24.10
CA PRO A 178 12.07 0.29 -23.15
C PRO A 178 12.10 -1.11 -22.56
N LEU A 179 13.20 -1.82 -22.36
CA LEU A 179 13.15 -3.08 -21.77
C LEU A 179 14.46 -3.36 -21.09
N ARG A 180 14.81 -2.72 -19.97
CA ARG A 180 16.06 -3.01 -19.23
C ARG A 180 16.21 -4.31 -18.56
N SER A 181 17.33 -4.47 -17.92
CA SER A 181 17.38 -5.71 -17.16
C SER A 181 17.36 -5.43 -15.66
N TYR A 182 17.62 -6.47 -14.87
CA TYR A 182 17.78 -6.40 -13.43
C TYR A 182 19.18 -6.85 -13.06
N SER A 183 19.43 -6.95 -11.75
CA SER A 183 20.72 -7.41 -11.23
C SER A 183 20.46 -8.23 -9.98
N PHE A 184 20.78 -9.52 -10.04
CA PHE A 184 20.44 -10.45 -8.98
C PHE A 184 21.70 -11.16 -8.50
N ARG A 185 22.01 -11.00 -7.21
CA ARG A 185 23.25 -11.48 -6.60
C ARG A 185 22.96 -11.69 -5.12
N PRO A 186 23.52 -12.71 -4.48
CA PRO A 186 23.15 -12.99 -3.09
C PRO A 186 23.46 -11.86 -2.12
N THR A 187 24.54 -11.11 -2.35
CA THR A 187 24.90 -10.05 -1.43
C THR A 187 23.91 -8.90 -1.43
N TYR A 188 22.99 -8.86 -2.39
CA TYR A 188 22.01 -7.79 -2.45
C TYR A 188 21.09 -7.83 -1.23
N GLY A 189 20.45 -6.69 -0.96
CA GLY A 189 19.44 -6.65 0.07
C GLY A 189 18.22 -7.46 -0.32
N VAL A 190 17.38 -7.73 0.68
CA VAL A 190 16.18 -8.53 0.44
C VAL A 190 15.28 -7.83 -0.58
N GLY A 191 15.20 -6.51 -0.52
CA GLY A 191 14.44 -5.77 -1.52
C GLY A 191 14.96 -6.02 -2.93
N HIS A 192 16.28 -6.05 -3.09
CA HIS A 192 16.86 -6.35 -4.40
C HIS A 192 16.78 -7.82 -4.75
N GLN A 193 16.60 -8.69 -3.77
CA GLN A 193 16.53 -10.12 -4.01
C GLN A 193 15.37 -10.43 -4.94
N PRO A 194 15.59 -11.16 -6.03
CA PRO A 194 14.48 -11.46 -6.95
C PRO A 194 13.46 -12.38 -6.31
N TYR A 195 12.19 -12.11 -6.62
CA TYR A 195 11.06 -12.89 -6.14
C TYR A 195 10.24 -13.35 -7.33
N ARG A 196 9.78 -14.60 -7.29
CA ARG A 196 8.82 -15.09 -8.28
C ARG A 196 7.41 -14.95 -7.73
N VAL A 197 6.61 -14.13 -8.37
CA VAL A 197 5.21 -14.06 -8.03
C VAL A 197 4.43 -15.07 -8.84
N VAL A 198 3.30 -15.48 -8.29
CA VAL A 198 2.32 -16.28 -9.04
C VAL A 198 0.95 -15.67 -8.77
N VAL A 199 0.49 -14.84 -9.68
CA VAL A 199 -0.79 -14.16 -9.53
C VAL A 199 -1.86 -15.07 -10.12
N LEU A 200 -2.80 -15.49 -9.29
CA LEU A 200 -3.96 -16.25 -9.74
C LEU A 200 -5.12 -15.30 -9.94
N SER A 201 -5.75 -15.37 -11.11
CA SER A 201 -6.85 -14.49 -11.47
C SER A 201 -8.00 -15.33 -11.99
N PHE A 202 -9.09 -15.38 -11.22
CA PHE A 202 -10.19 -16.28 -11.54
C PHE A 202 -11.23 -15.61 -12.43
N ALA A 209 -17.88 -23.87 -14.57
CA ALA A 209 -17.23 -24.21 -13.30
C ALA A 209 -16.59 -25.58 -13.38
N THR A 210 -15.47 -25.67 -14.10
CA THR A 210 -14.81 -26.95 -14.34
C THR A 210 -13.70 -27.25 -13.34
N VAL A 211 -13.23 -26.24 -12.60
CA VAL A 211 -12.08 -26.40 -11.73
C VAL A 211 -12.40 -25.97 -10.30
N CYS A 212 -12.38 -26.94 -9.40
CA CYS A 212 -12.28 -26.76 -7.94
C CYS A 212 -12.28 -28.14 -7.28
N GLY A 213 -11.78 -28.20 -6.05
CA GLY A 213 -11.60 -29.46 -5.36
C GLY A 213 -12.57 -29.73 -4.22
N GLN B 1 -10.32 10.86 -7.61
CA GLN B 1 -11.77 10.79 -7.47
C GLN B 1 -12.13 10.02 -6.20
N VAL B 2 -11.11 9.49 -5.52
CA VAL B 2 -11.35 8.83 -4.24
C VAL B 2 -11.97 9.83 -3.27
N GLN B 3 -13.11 9.47 -2.71
CA GLN B 3 -13.92 10.41 -1.95
C GLN B 3 -14.32 9.80 -0.62
N LEU B 4 -14.03 10.53 0.46
CA LEU B 4 -14.49 10.18 1.80
C LEU B 4 -15.16 11.44 2.37
N VAL B 5 -16.49 11.47 2.35
CA VAL B 5 -17.26 12.56 2.93
C VAL B 5 -18.02 12.02 4.13
N GLU B 6 -18.00 12.76 5.23
CA GLU B 6 -18.57 12.28 6.47
C GLU B 6 -19.41 13.37 7.12
N SER B 7 -20.43 12.92 7.87
CA SER B 7 -21.32 13.82 8.59
C SER B 7 -21.92 13.04 9.76
N GLY B 8 -22.51 13.78 10.69
CA GLY B 8 -23.16 13.21 11.86
C GLY B 8 -22.69 13.83 13.16
N GLY B 9 -21.45 14.29 13.20
CA GLY B 9 -20.92 14.87 14.42
C GLY B 9 -21.51 16.23 14.72
N GLY B 10 -21.39 16.63 15.98
CA GLY B 10 -21.89 17.91 16.42
C GLY B 10 -21.75 18.03 17.92
N VAL B 11 -22.32 19.12 18.45
CA VAL B 11 -22.29 19.31 19.89
C VAL B 11 -23.14 18.23 20.55
N VAL B 12 -22.57 17.59 21.56
CA VAL B 12 -23.21 16.48 22.27
C VAL B 12 -23.08 16.71 23.76
N GLN B 13 -23.50 15.71 24.52
CA GLN B 13 -23.46 15.92 25.96
C GLN B 13 -22.59 14.85 26.61
N PRO B 14 -21.74 15.19 27.57
CA PRO B 14 -20.98 14.16 28.27
C PRO B 14 -21.89 13.11 28.88
N GLY B 15 -21.52 11.85 28.69
CA GLY B 15 -22.25 10.72 29.21
C GLY B 15 -23.06 9.96 28.18
N ARG B 16 -23.49 10.62 27.11
CA ARG B 16 -24.25 9.96 26.07
C ARG B 16 -23.34 9.57 24.91
N SER B 17 -23.93 9.18 23.80
CA SER B 17 -23.22 8.67 22.63
C SER B 17 -23.53 9.52 21.41
N LEU B 18 -22.96 9.12 20.27
CA LEU B 18 -23.27 9.76 19.00
C LEU B 18 -22.92 8.79 17.88
N ARG B 19 -23.49 9.04 16.70
CA ARG B 19 -23.31 8.20 15.51
C ARG B 19 -22.58 8.98 14.44
N LEU B 20 -21.40 8.50 14.04
CA LEU B 20 -20.64 9.09 12.97
C LEU B 20 -20.69 8.19 11.74
N SER B 21 -20.99 8.78 10.59
CA SER B 21 -21.05 8.05 9.33
C SER B 21 -20.18 8.75 8.30
N CYS B 22 -19.33 7.98 7.63
CA CYS B 22 -18.40 8.52 6.62
C CYS B 22 -18.71 7.85 5.29
N ALA B 23 -19.60 8.45 4.50
CA ALA B 23 -19.95 7.89 3.21
C ALA B 23 -18.77 7.94 2.25
N ALA B 24 -18.61 6.90 1.46
CA ALA B 24 -17.50 6.79 0.52
C ALA B 24 -18.03 6.45 -0.87
N SER B 25 -17.26 6.82 -1.87
CA SER B 25 -17.55 6.49 -3.27
C SER B 25 -16.29 6.78 -4.09
N GLY B 26 -16.40 6.67 -5.40
CA GLY B 26 -15.27 6.90 -6.28
C GLY B 26 -14.38 5.69 -6.41
N PHE B 27 -14.22 4.96 -5.32
CA PHE B 27 -13.46 3.72 -5.28
C PHE B 27 -14.39 2.59 -4.85
N ILE B 28 -13.91 1.37 -4.97
CA ILE B 28 -14.74 0.23 -4.59
C ILE B 28 -14.69 0.12 -3.09
N PHE B 29 -15.63 0.77 -2.40
CA PHE B 29 -15.61 0.78 -0.94
C PHE B 29 -16.15 -0.55 -0.40
N SER B 30 -15.59 -1.63 -0.91
CA SER B 30 -15.75 -2.95 -0.31
C SER B 30 -14.43 -3.68 -0.28
N ARG B 31 -13.36 -3.08 -0.78
CA ARG B 31 -12.08 -3.73 -0.98
C ARG B 31 -11.09 -3.48 0.15
N TYR B 32 -10.99 -2.24 0.63
CA TYR B 32 -9.89 -1.90 1.52
C TYR B 32 -10.33 -0.93 2.61
N ASP B 33 -9.47 -0.83 3.62
CA ASP B 33 -9.80 -0.37 4.96
C ASP B 33 -10.35 1.06 4.98
N ILE B 34 -10.85 1.44 6.14
CA ILE B 34 -10.94 2.83 6.54
C ILE B 34 -10.54 2.92 8.00
N HIS B 35 -9.69 3.89 8.31
CA HIS B 35 -9.25 4.20 9.65
C HIS B 35 -10.03 5.40 10.17
N TRP B 36 -9.99 5.59 11.48
CA TRP B 36 -10.47 6.81 12.10
C TRP B 36 -9.35 7.43 12.91
N VAL B 37 -9.15 8.73 12.74
CA VAL B 37 -8.15 9.48 13.47
C VAL B 37 -8.76 10.80 13.90
N ARG B 38 -8.47 11.22 15.12
CA ARG B 38 -9.00 12.45 15.66
C ARG B 38 -7.86 13.33 16.14
N GLN B 39 -8.04 14.64 16.03
CA GLN B 39 -7.07 15.59 16.54
C GLN B 39 -7.80 16.61 17.40
N THR B 40 -7.58 16.54 18.70
CA THR B 40 -8.18 17.68 19.36
C THR B 40 -7.25 18.89 19.26
N PRO B 41 -7.80 20.08 19.04
CA PRO B 41 -6.93 21.27 18.91
C PRO B 41 -6.09 21.44 20.16
N GLY B 42 -4.84 21.82 19.96
CA GLY B 42 -3.88 21.78 21.04
C GLY B 42 -3.37 20.39 21.34
N LYS B 43 -3.44 19.48 20.38
CA LYS B 43 -2.90 18.13 20.53
C LYS B 43 -2.78 17.51 19.14
N GLY B 44 -1.77 16.67 18.96
CA GLY B 44 -1.59 16.01 17.69
C GLY B 44 -2.63 14.93 17.46
N LEU B 45 -2.78 14.55 16.18
CA LEU B 45 -3.77 13.56 15.80
C LEU B 45 -3.59 12.29 16.62
N GLU B 46 -4.71 11.73 17.06
CA GLU B 46 -4.72 10.47 17.78
C GLU B 46 -5.53 9.45 16.98
N TRP B 47 -4.92 8.30 16.71
CA TRP B 47 -5.60 7.27 15.94
C TRP B 47 -6.72 6.64 16.76
N VAL B 48 -7.86 6.38 16.10
CA VAL B 48 -9.05 5.96 16.81
C VAL B 48 -9.33 4.47 16.63
N ALA B 49 -9.56 4.04 15.38
CA ALA B 49 -9.91 2.66 15.10
C ALA B 49 -9.96 2.44 13.60
N LEU B 50 -9.92 1.17 13.19
CA LEU B 50 -9.94 0.80 11.79
C LEU B 50 -10.98 -0.30 11.58
N ILE B 51 -11.06 -0.79 10.34
CA ILE B 51 -11.95 -1.89 10.00
C ILE B 51 -11.52 -2.44 8.65
N ARG B 52 -11.46 -3.77 8.54
CA ARG B 52 -10.94 -4.39 7.32
C ARG B 52 -12.01 -4.72 6.29
N TYR B 53 -12.51 -3.69 5.62
CA TYR B 53 -13.04 -3.72 4.26
C TYR B 53 -14.24 -4.63 4.07
N ASP B 54 -14.57 -5.44 5.07
CA ASP B 54 -15.86 -6.09 5.13
C ASP B 54 -16.34 -6.24 6.56
N GLY B 55 -15.61 -5.67 7.51
CA GLY B 55 -15.86 -5.95 8.91
C GLY B 55 -15.26 -7.25 9.40
N SER B 56 -14.17 -7.69 8.78
CA SER B 56 -13.58 -8.98 9.15
C SER B 56 -13.20 -9.02 10.62
N ASP B 57 -12.47 -8.01 11.09
CA ASP B 57 -12.11 -7.90 12.49
C ASP B 57 -11.67 -6.46 12.76
N LYS B 58 -11.77 -6.06 14.02
CA LYS B 58 -11.66 -4.66 14.39
C LYS B 58 -10.57 -4.51 15.43
N TYR B 59 -9.89 -3.37 15.41
CA TYR B 59 -9.08 -2.94 16.54
C TYR B 59 -9.42 -1.51 16.90
N TYR B 60 -9.21 -1.16 18.16
CA TYR B 60 -9.49 0.17 18.68
C TYR B 60 -8.28 0.62 19.48
N ALA B 61 -8.16 1.93 19.65
CA ALA B 61 -7.02 2.48 20.36
C ALA B 61 -7.03 2.02 21.80
N ASP B 62 -5.84 1.94 22.40
CA ASP B 62 -5.74 1.54 23.80
C ASP B 62 -6.47 2.51 24.70
N SER B 63 -6.65 3.76 24.25
CA SER B 63 -7.40 4.73 25.03
C SER B 63 -8.90 4.48 24.97
N VAL B 64 -9.37 3.63 24.07
CA VAL B 64 -10.80 3.33 23.99
C VAL B 64 -11.04 1.84 24.16
N LYS B 65 -10.58 1.04 23.19
CA LYS B 65 -10.66 -0.43 23.22
C LYS B 65 -11.98 -0.93 23.81
N GLY B 66 -13.08 -0.47 23.24
CA GLY B 66 -14.37 -1.04 23.58
C GLY B 66 -15.51 -0.07 23.77
N ARG B 67 -15.29 1.10 24.36
CA ARG B 67 -16.38 2.04 24.43
C ARG B 67 -16.65 2.69 23.08
N PHE B 68 -15.75 2.51 22.13
CA PHE B 68 -15.95 2.93 20.75
C PHE B 68 -16.36 1.72 19.92
N THR B 69 -17.26 1.93 18.96
CA THR B 69 -17.75 0.84 18.13
C THR B 69 -17.81 1.31 16.69
N ILE B 70 -17.13 0.60 15.81
CA ILE B 70 -17.14 0.90 14.38
C ILE B 70 -17.82 -0.25 13.66
N SER B 71 -18.55 0.07 12.61
CA SER B 71 -19.28 -0.95 11.86
C SER B 71 -19.35 -0.53 10.40
N ARG B 72 -18.81 -1.35 9.53
CA ARG B 72 -18.88 -1.08 8.09
C ARG B 72 -20.30 -1.22 7.60
N ASP B 73 -20.56 -0.64 6.43
CA ASP B 73 -21.86 -0.75 5.78
C ASP B 73 -21.61 -0.88 4.29
N ASN B 74 -21.46 -2.11 3.83
CA ASN B 74 -21.30 -2.36 2.41
C ASN B 74 -22.65 -2.24 1.71
N SER B 75 -22.65 -2.48 0.40
CA SER B 75 -23.84 -2.53 -0.43
C SER B 75 -24.44 -1.14 -0.62
N LYS B 76 -23.93 -0.16 0.11
CA LYS B 76 -24.24 1.24 -0.15
C LYS B 76 -23.03 2.14 0.03
N ASN B 77 -21.84 1.55 0.20
CA ASN B 77 -20.58 2.29 0.27
C ASN B 77 -20.64 3.39 1.31
N THR B 78 -20.95 3.00 2.54
CA THR B 78 -20.96 3.91 3.68
C THR B 78 -20.28 3.24 4.86
N LEU B 79 -19.72 4.06 5.74
CA LEU B 79 -19.15 3.56 6.98
C LEU B 79 -19.92 4.16 8.15
N TYR B 80 -20.03 3.37 9.22
CA TYR B 80 -20.68 3.82 10.44
C TYR B 80 -19.74 3.61 11.62
N LEU B 81 -19.58 4.64 12.44
CA LEU B 81 -18.90 4.50 13.72
C LEU B 81 -19.83 4.99 14.82
N GLN B 82 -19.93 4.20 15.88
CA GLN B 82 -20.78 4.51 17.02
C GLN B 82 -19.93 4.64 18.26
N MET B 83 -19.90 5.83 18.84
CA MET B 83 -19.24 6.07 20.11
C MET B 83 -20.20 5.67 21.22
N ASN B 84 -19.63 5.34 22.39
CA ASN B 84 -20.41 5.12 23.60
C ASN B 84 -19.71 5.78 24.77
N SER B 85 -20.50 6.46 25.62
CA SER B 85 -20.04 6.94 26.92
C SER B 85 -18.81 7.85 26.79
N LEU B 86 -19.05 9.02 26.19
CA LEU B 86 -17.98 9.98 26.00
C LEU B 86 -17.45 10.49 27.33
N ARG B 87 -16.20 10.96 27.30
CA ARG B 87 -15.56 11.57 28.45
C ARG B 87 -15.37 13.06 28.19
N VAL B 88 -14.73 13.74 29.15
CA VAL B 88 -14.50 15.18 29.02
C VAL B 88 -13.46 15.46 27.94
N GLU B 89 -12.36 14.72 27.96
CA GLU B 89 -11.26 14.96 27.04
C GLU B 89 -11.42 14.20 25.73
N ASP B 90 -12.59 14.35 25.11
CA ASP B 90 -12.85 13.72 23.83
C ASP B 90 -13.36 14.69 22.77
N THR B 91 -13.53 15.96 23.11
CA THR B 91 -13.88 16.95 22.10
C THR B 91 -12.77 17.06 21.06
N ALA B 92 -13.06 16.61 19.85
CA ALA B 92 -12.03 16.51 18.83
C ALA B 92 -12.69 16.24 17.49
N VAL B 93 -12.16 16.87 16.44
CA VAL B 93 -12.65 16.57 15.10
C VAL B 93 -12.20 15.18 14.69
N TYR B 94 -13.12 14.41 14.12
CA TYR B 94 -12.88 13.03 13.76
C TYR B 94 -12.72 12.91 12.25
N TYR B 95 -11.56 12.43 11.82
CA TYR B 95 -11.26 12.24 10.41
C TYR B 95 -11.44 10.76 10.08
N CYS B 96 -12.20 10.49 9.02
CA CYS B 96 -12.23 9.16 8.45
C CYS B 96 -11.24 9.14 7.30
N ALA B 97 -10.30 8.21 7.35
CA ALA B 97 -9.18 8.22 6.44
C ALA B 97 -9.08 6.88 5.74
N LYS B 98 -9.13 6.91 4.41
CA LYS B 98 -8.95 5.72 3.59
C LYS B 98 -7.47 5.40 3.53
N GLU B 99 -7.10 4.13 3.62
CA GLU B 99 -5.68 3.77 3.56
C GLU B 99 -5.41 3.09 2.23
N GLY B 100 -4.34 3.51 1.57
CA GLY B 100 -4.13 3.19 0.18
C GLY B 100 -3.39 1.91 -0.16
N ILE B 101 -3.66 0.82 0.56
CA ILE B 101 -3.36 -0.52 0.06
C ILE B 101 -4.67 -1.27 -0.01
N GLN B 102 -4.97 -1.82 -1.18
CA GLN B 102 -6.26 -2.46 -1.37
C GLN B 102 -6.25 -3.82 -0.71
N GLY B 103 -6.91 -3.89 0.45
CA GLY B 103 -6.72 -4.92 1.45
C GLY B 103 -6.70 -6.36 0.99
N TYR B 104 -5.73 -7.10 1.47
CA TYR B 104 -5.62 -8.52 1.21
C TYR B 104 -6.02 -9.31 2.45
N SER B 105 -6.39 -10.56 2.23
CA SER B 105 -6.80 -11.44 3.32
C SER B 105 -5.75 -12.45 3.73
N GLY B 106 -4.57 -12.43 3.12
CA GLY B 106 -3.53 -13.41 3.38
C GLY B 106 -2.49 -12.92 4.37
N TYR B 107 -1.25 -13.30 4.10
CA TYR B 107 -0.11 -12.97 4.96
C TYR B 107 1.11 -12.72 4.11
N ASP B 108 1.40 -11.44 3.85
CA ASP B 108 2.52 -11.06 3.00
C ASP B 108 3.81 -10.90 3.82
N TYR B 109 4.92 -11.14 3.14
CA TYR B 109 6.22 -10.76 3.70
C TYR B 109 6.41 -9.25 3.61
N PHE B 110 6.00 -8.64 2.50
CA PHE B 110 6.12 -7.21 2.29
C PHE B 110 4.79 -6.56 2.61
N TRP B 111 4.78 -5.68 3.61
CA TRP B 111 3.53 -5.22 4.20
C TRP B 111 3.10 -3.85 3.72
N THR B 112 4.05 -2.94 3.48
CA THR B 112 3.79 -1.60 2.96
C THR B 112 3.09 -0.72 3.99
N GLY B 113 2.69 -1.31 5.13
CA GLY B 113 2.22 -0.52 6.25
C GLY B 113 0.92 0.23 6.05
N PHE B 114 0.32 0.67 7.15
CA PHE B 114 -0.83 1.56 7.08
C PHE B 114 -0.41 2.94 6.60
N TYR B 115 -1.12 3.47 5.60
CA TYR B 115 -0.89 4.84 5.19
C TYR B 115 -2.19 5.39 4.62
N PHE B 116 -2.62 6.53 5.14
CA PHE B 116 -3.96 7.05 4.87
C PHE B 116 -3.89 7.96 3.65
N ASP B 117 -4.02 7.35 2.47
CA ASP B 117 -3.78 8.11 1.24
C ASP B 117 -4.75 9.28 1.09
N TYR B 118 -6.05 9.01 1.19
CA TYR B 118 -7.04 10.06 1.02
C TYR B 118 -7.92 10.14 2.26
N TRP B 119 -8.27 11.36 2.64
CA TRP B 119 -8.90 11.62 3.93
C TRP B 119 -10.29 12.18 3.73
N GLY B 120 -10.92 12.48 4.86
CA GLY B 120 -12.23 13.11 4.88
C GLY B 120 -12.12 14.61 5.12
N GLN B 121 -13.13 15.14 5.80
CA GLN B 121 -13.15 16.56 6.15
C GLN B 121 -13.40 16.80 7.62
N GLY B 122 -13.65 15.76 8.41
CA GLY B 122 -13.77 15.93 9.84
C GLY B 122 -15.17 16.32 10.27
N THR B 123 -15.48 15.99 11.51
CA THR B 123 -16.76 16.34 12.13
C THR B 123 -16.51 16.73 13.58
N LEU B 124 -16.54 18.04 13.85
CA LEU B 124 -16.26 18.53 15.20
C LEU B 124 -17.32 18.01 16.16
N VAL B 125 -16.88 17.23 17.14
CA VAL B 125 -17.75 16.73 18.19
C VAL B 125 -17.21 17.28 19.52
N THR B 126 -18.12 17.77 20.36
CA THR B 126 -17.72 18.42 21.61
C THR B 126 -18.59 17.93 22.75
N VAL B 127 -17.96 17.54 23.85
CA VAL B 127 -18.68 17.08 25.01
C VAL B 127 -18.97 18.24 25.95
N VAL C 1 4.40 1.87 21.82
CA VAL C 1 5.27 2.76 21.07
C VAL C 1 4.84 4.21 21.25
N VAL C 2 5.81 5.12 21.17
CA VAL C 2 5.53 6.55 21.26
C VAL C 2 6.48 7.27 20.32
N MET C 3 5.94 8.24 19.57
CA MET C 3 6.72 8.99 18.59
C MET C 3 6.92 10.41 19.11
N THR C 4 8.16 10.87 18.94
CA THR C 4 8.49 12.23 19.38
C THR C 4 9.20 12.94 18.23
N GLN C 5 8.59 13.99 17.67
CA GLN C 5 9.16 14.66 16.47
C GLN C 5 10.18 15.72 16.86
N SER C 6 10.82 16.35 15.88
CA SER C 6 11.84 17.40 16.15
C SER C 6 12.20 18.10 14.84
N PRO C 7 12.16 19.44 14.76
CA PRO C 7 11.58 20.26 15.83
C PRO C 7 10.08 20.48 15.64
N LEU C 8 9.31 20.45 16.73
CA LEU C 8 7.84 20.69 16.65
C LEU C 8 7.56 22.08 16.07
N SER C 9 8.61 22.82 15.72
CA SER C 9 8.45 24.15 15.09
C SER C 9 9.75 24.51 14.36
N LEU C 10 9.69 24.64 13.03
CA LEU C 10 10.91 24.93 12.23
C LEU C 10 10.60 26.09 11.27
N PRO C 11 10.05 27.21 11.77
CA PRO C 11 9.72 28.32 10.91
C PRO C 11 10.92 28.45 9.98
N VAL C 12 10.72 28.13 8.71
CA VAL C 12 11.87 28.15 7.77
C VAL C 12 11.63 29.24 6.73
N THR C 13 12.41 30.34 6.76
CA THR C 13 12.20 31.29 5.69
C THR C 13 12.23 30.57 4.33
N PRO C 14 11.56 31.13 3.32
CA PRO C 14 11.38 30.38 2.06
C PRO C 14 12.71 30.06 1.39
N GLY C 15 12.71 29.00 0.60
CA GLY C 15 13.86 28.56 -0.17
C GLY C 15 14.77 27.51 0.44
N GLU C 16 15.52 27.85 1.49
CA GLU C 16 16.50 26.92 2.02
C GLU C 16 15.79 25.69 2.58
N PRO C 17 16.46 24.53 2.64
CA PRO C 17 15.81 23.32 3.09
C PRO C 17 15.72 23.11 4.60
N ALA C 18 14.61 22.48 4.99
CA ALA C 18 14.32 22.23 6.39
C ALA C 18 14.14 20.74 6.61
N SER C 19 14.61 20.26 7.75
CA SER C 19 14.58 18.85 8.08
C SER C 19 13.78 18.63 9.35
N ILE C 20 12.94 17.59 9.33
CA ILE C 20 12.11 17.22 10.48
C ILE C 20 12.40 15.77 10.81
N SER C 21 12.62 15.50 12.09
CA SER C 21 13.04 14.19 12.55
C SER C 21 12.02 13.62 13.53
N CYS C 22 11.97 12.29 13.60
CA CYS C 22 11.16 11.58 14.58
C CYS C 22 11.97 10.46 15.19
N ARG C 23 11.61 10.11 16.42
CA ARG C 23 12.27 9.05 17.16
C ARG C 23 11.30 7.89 17.34
N SER C 24 11.85 6.69 17.45
CA SER C 24 11.04 5.50 17.67
C SER C 24 11.48 4.79 18.94
N SER C 25 10.51 4.20 19.64
CA SER C 25 10.86 3.38 20.80
C SER C 25 11.43 2.04 20.37
N GLN C 26 11.03 1.53 19.21
CA GLN C 26 11.55 0.28 18.69
C GLN C 26 11.94 0.46 17.24
N SER C 27 12.84 -0.41 16.78
CA SER C 27 13.35 -0.37 15.41
C SER C 27 12.22 -0.71 14.45
N LEU C 28 11.70 0.30 13.74
CA LEU C 28 10.60 0.07 12.82
C LEU C 28 11.03 -0.73 11.61
N LEU C 29 12.29 -0.64 11.22
CA LEU C 29 12.78 -1.39 10.07
C LEU C 29 12.56 -2.88 10.32
N GLN C 30 11.60 -3.47 9.61
CA GLN C 30 11.27 -4.86 9.83
C GLN C 30 12.14 -5.72 8.92
N SER C 31 12.21 -7.02 9.26
CA SER C 31 13.15 -7.95 8.63
C SER C 31 13.11 -7.93 7.11
N ASN C 32 12.08 -7.35 6.50
CA ASN C 32 12.05 -7.23 5.05
C ASN C 32 12.73 -5.96 4.55
N GLY C 33 13.32 -5.17 5.44
CA GLY C 33 14.05 -3.99 5.03
C GLY C 33 13.19 -2.78 4.73
N TYR C 34 12.02 -2.67 5.35
CA TYR C 34 11.14 -1.54 5.13
C TYR C 34 11.00 -0.73 6.41
N ASN C 35 11.11 0.59 6.29
CA ASN C 35 10.76 1.50 7.36
C ASN C 35 9.30 1.91 7.23
N TYR C 36 8.69 2.27 8.35
CA TYR C 36 7.25 2.40 8.41
C TYR C 36 6.71 3.73 8.90
N LEU C 37 7.55 4.70 9.27
CA LEU C 37 6.97 5.99 9.62
C LEU C 37 6.38 6.66 8.39
N ASP C 38 5.34 7.46 8.63
CA ASP C 38 4.60 8.15 7.59
C ASP C 38 4.50 9.61 7.98
N TRP C 39 4.86 10.49 7.06
CA TRP C 39 4.76 11.93 7.27
C TRP C 39 3.44 12.43 6.68
N TYR C 40 2.63 13.05 7.53
CA TYR C 40 1.35 13.61 7.13
C TYR C 40 1.38 15.10 7.39
N LEU C 41 1.11 15.90 6.36
CA LEU C 41 1.00 17.33 6.57
C LEU C 41 -0.46 17.73 6.60
N GLN C 42 -0.71 18.98 6.98
CA GLN C 42 -2.04 19.55 6.81
C GLN C 42 -1.91 21.07 6.87
N LYS C 43 -2.21 21.72 5.76
CA LYS C 43 -2.24 23.17 5.76
C LYS C 43 -3.37 23.65 6.66
N PRO C 44 -3.26 24.86 7.20
CA PRO C 44 -4.29 25.36 8.11
C PRO C 44 -5.66 25.35 7.44
N GLY C 45 -6.66 24.89 8.19
CA GLY C 45 -8.02 24.78 7.69
C GLY C 45 -8.21 23.77 6.59
N GLN C 46 -7.56 22.62 6.68
CA GLN C 46 -7.74 21.57 5.67
C GLN C 46 -7.46 20.22 6.31
N SER C 47 -7.99 19.18 5.68
CA SER C 47 -7.73 17.83 6.11
C SER C 47 -6.27 17.47 5.86
N PRO C 48 -5.68 16.65 6.71
CA PRO C 48 -4.34 16.12 6.42
C PRO C 48 -4.34 15.32 5.14
N GLN C 49 -3.22 15.39 4.43
CA GLN C 49 -3.00 14.65 3.20
C GLN C 49 -1.73 13.84 3.34
N LEU C 50 -1.71 12.68 2.70
CA LEU C 50 -0.52 11.84 2.75
C LEU C 50 0.65 12.58 2.11
N LEU C 51 1.82 12.49 2.73
CA LEU C 51 3.00 13.18 2.23
C LEU C 51 4.13 12.24 1.91
N ILE C 52 4.41 11.28 2.78
CA ILE C 52 5.33 10.19 2.49
C ILE C 52 4.63 8.95 2.99
N TYR C 53 5.08 7.79 2.52
CA TYR C 53 4.58 6.55 3.11
C TYR C 53 5.70 5.54 3.09
N LEU C 54 5.74 4.72 4.15
CA LEU C 54 6.79 3.74 4.34
C LEU C 54 8.16 4.44 4.44
N GLY C 55 8.15 5.71 4.80
CA GLY C 55 9.38 6.45 5.03
C GLY C 55 10.11 6.98 3.84
N SER C 56 10.28 6.16 2.80
CA SER C 56 11.14 6.50 1.67
C SER C 56 10.35 7.00 0.47
N ASN C 57 9.43 6.20 -0.05
CA ASN C 57 8.75 6.48 -1.30
C ASN C 57 7.44 7.22 -1.07
N ARG C 58 7.31 8.41 -1.66
CA ARG C 58 6.18 9.28 -1.43
C ARG C 58 4.97 8.85 -2.24
N ALA C 59 3.81 9.38 -1.85
CA ALA C 59 2.57 9.07 -2.53
C ALA C 59 2.45 9.86 -3.81
N SER C 60 1.94 9.21 -4.86
CA SER C 60 1.79 9.86 -6.15
C SER C 60 0.94 11.11 -6.02
N GLY C 61 1.40 12.20 -6.62
CA GLY C 61 0.79 13.49 -6.44
C GLY C 61 1.50 14.40 -5.47
N VAL C 62 2.72 14.06 -5.06
CA VAL C 62 3.49 14.85 -4.13
C VAL C 62 4.80 15.24 -4.80
N PRO C 63 5.21 16.51 -4.74
CA PRO C 63 6.42 16.95 -5.44
C PRO C 63 7.66 16.23 -4.93
N ASP C 64 8.76 16.41 -5.67
CA ASP C 64 9.99 15.69 -5.36
C ASP C 64 10.69 16.26 -4.14
N ARG C 65 10.41 17.52 -3.79
CA ARG C 65 11.14 18.15 -2.70
C ARG C 65 10.78 17.59 -1.33
N PHE C 66 9.74 16.77 -1.24
CA PHE C 66 9.37 16.14 0.03
C PHE C 66 10.05 14.79 0.22
N SER C 67 11.37 14.76 0.03
CA SER C 67 12.10 13.52 0.22
C SER C 67 12.22 13.21 1.71
N GLY C 68 12.12 11.94 2.06
CA GLY C 68 12.23 11.54 3.44
C GLY C 68 13.28 10.46 3.64
N SER C 69 14.19 10.67 4.59
CA SER C 69 15.27 9.72 4.83
C SER C 69 14.87 8.71 5.89
N GLY C 70 15.54 7.56 5.86
CA GLY C 70 15.19 6.46 6.72
C GLY C 70 16.39 5.95 7.51
N SER C 71 16.09 5.24 8.58
CA SER C 71 17.07 4.71 9.51
C SER C 71 16.48 3.46 10.14
N GLY C 72 17.00 3.06 11.30
CA GLY C 72 16.34 2.06 12.11
C GLY C 72 15.37 2.67 13.11
N THR C 73 15.74 3.82 13.69
CA THR C 73 14.88 4.50 14.65
C THR C 73 14.76 6.00 14.44
N ASP C 74 15.65 6.65 13.71
CA ASP C 74 15.70 8.11 13.60
C ASP C 74 15.40 8.50 12.16
N PHE C 75 14.14 8.77 11.86
CA PHE C 75 13.76 9.07 10.49
C PHE C 75 13.66 10.58 10.30
N THR C 76 13.74 11.01 9.04
CA THR C 76 13.83 12.44 8.77
C THR C 76 13.12 12.77 7.47
N LEU C 77 12.44 13.92 7.45
CA LEU C 77 11.83 14.47 6.26
C LEU C 77 12.66 15.66 5.80
N LYS C 78 13.00 15.69 4.52
CA LYS C 78 13.76 16.79 3.93
C LYS C 78 12.82 17.59 3.03
N ILE C 79 12.71 18.89 3.29
CA ILE C 79 11.96 19.79 2.42
C ILE C 79 13.00 20.63 1.68
N SER C 80 13.38 20.21 0.47
CA SER C 80 14.46 20.89 -0.23
C SER C 80 14.12 22.35 -0.53
N ARG C 81 12.89 22.59 -1.00
CA ARG C 81 12.48 23.91 -1.48
C ARG C 81 11.21 24.29 -0.74
N VAL C 82 11.32 25.15 0.27
CA VAL C 82 10.18 25.56 1.08
C VAL C 82 9.61 26.86 0.52
N GLU C 83 8.29 26.89 0.33
CA GLU C 83 7.60 28.10 -0.08
C GLU C 83 6.25 28.14 0.63
N ALA C 84 5.34 28.95 0.09
CA ALA C 84 4.03 29.12 0.72
C ALA C 84 3.26 27.81 0.80
N GLU C 85 3.33 27.00 -0.26
CA GLU C 85 2.52 25.79 -0.29
C GLU C 85 2.94 24.76 0.75
N ASP C 86 4.12 24.92 1.36
CA ASP C 86 4.66 23.91 2.24
C ASP C 86 4.30 24.13 3.71
N VAL C 87 3.57 25.19 4.02
CA VAL C 87 3.30 25.53 5.41
C VAL C 87 2.24 24.60 5.96
N GLY C 88 2.41 24.15 7.19
CA GLY C 88 1.48 23.25 7.81
C GLY C 88 2.21 22.28 8.72
N ILE C 89 1.49 21.87 9.75
CA ILE C 89 2.05 20.98 10.77
C ILE C 89 2.22 19.59 10.16
N TYR C 90 3.31 18.92 10.53
CA TYR C 90 3.59 17.58 10.05
C TYR C 90 3.45 16.58 11.18
N TYR C 91 3.44 15.30 10.82
CA TYR C 91 3.29 14.21 11.78
C TYR C 91 4.04 12.99 11.29
N CYS C 92 4.32 12.07 12.22
CA CYS C 92 4.97 10.80 11.89
C CYS C 92 4.20 9.65 12.52
N MET C 93 3.22 9.15 11.80
CA MET C 93 2.60 7.88 12.18
C MET C 93 3.63 6.76 12.11
N GLN C 94 3.63 5.89 13.10
CA GLN C 94 4.32 4.63 12.99
C GLN C 94 3.32 3.61 12.48
N ALA C 95 3.63 2.97 11.35
CA ALA C 95 2.72 2.02 10.74
C ALA C 95 3.34 0.65 10.85
N LEU C 96 3.22 0.06 12.01
CA LEU C 96 3.75 -1.28 12.24
C LEU C 96 2.74 -2.20 12.87
N GLN C 97 1.94 -1.69 13.80
CA GLN C 97 0.95 -2.50 14.49
C GLN C 97 -0.01 -1.58 15.25
N THR C 98 -1.21 -2.07 15.46
CA THR C 98 -2.16 -1.36 16.31
C THR C 98 -1.63 -1.31 17.74
N PRO C 99 -1.70 -0.15 18.41
CA PRO C 99 -2.20 1.13 17.89
C PRO C 99 -1.13 1.93 17.16
N LEU C 100 -1.55 2.73 16.20
CA LEU C 100 -0.64 3.60 15.46
C LEU C 100 -0.44 4.86 16.29
N THR C 101 0.65 4.88 17.05
CA THR C 101 0.91 6.03 17.90
C THR C 101 1.29 7.21 17.02
N PHE C 102 0.28 7.96 16.62
CA PHE C 102 0.46 9.02 15.65
C PHE C 102 1.31 10.12 16.28
N GLY C 103 2.37 10.52 15.59
CA GLY C 103 3.42 11.31 16.21
C GLY C 103 2.93 12.65 16.74
N GLY C 104 3.82 13.32 17.47
CA GLY C 104 3.53 14.57 18.12
C GLY C 104 3.06 15.68 17.20
N GLY C 105 3.94 16.15 16.33
CA GLY C 105 3.52 17.21 15.41
C GLY C 105 4.39 18.44 15.48
N THR C 106 5.01 18.78 14.36
CA THR C 106 5.81 19.99 14.24
C THR C 106 4.94 21.12 13.71
N LYS C 107 5.60 22.19 13.26
CA LYS C 107 4.93 23.38 12.76
C LYS C 107 5.75 23.90 11.58
N VAL C 108 5.19 24.86 10.86
CA VAL C 108 5.94 25.55 9.82
C VAL C 108 5.68 27.05 9.88
C1 NAG D . 7.43 -27.90 -5.72
C2 NAG D . 6.08 -28.22 -5.09
C3 NAG D . 6.23 -28.34 -3.58
C4 NAG D . 7.29 -29.39 -3.24
C5 NAG D . 8.60 -29.06 -3.95
C6 NAG D . 9.64 -30.15 -3.81
C7 NAG D . 4.16 -27.42 -6.37
C8 NAG D . 3.18 -26.30 -6.58
N2 NAG D . 5.08 -27.22 -5.42
O3 NAG D . 4.98 -28.71 -3.00
O4 NAG D . 7.49 -29.46 -1.84
O5 NAG D . 8.38 -28.91 -5.37
O6 NAG D . 9.05 -31.38 -3.41
O7 NAG D . 4.10 -28.45 -7.02
C1 NAG D . 6.91 -30.69 -1.34
C2 NAG D . 7.32 -30.88 0.12
C3 NAG D . 6.67 -32.14 0.70
C4 NAG D . 5.17 -32.13 0.48
C5 NAG D . 4.86 -31.90 -0.99
C6 NAG D . 3.38 -31.78 -1.28
C7 NAG D . 9.42 -30.71 1.40
C8 NAG D . 10.91 -30.83 1.34
N2 NAG D . 8.76 -30.95 0.25
O3 NAG D . 6.95 -32.23 2.09
O4 NAG D . 4.60 -33.36 0.90
O5 NAG D . 5.47 -30.68 -1.44
O6 NAG D . 3.15 -31.22 -2.57
O7 NAG D . 8.83 -30.43 2.43
#